data_2P9T
#
_entry.id   2P9T
#
_cell.length_a   42.100
_cell.length_b   64.300
_cell.length_c   72.200
_cell.angle_alpha   90.000
_cell.angle_beta   97.800
_cell.angle_gamma   90.000
#
_symmetry.space_group_name_H-M   'P 1 21 1'
#
loop_
_entity.id
_entity.type
_entity.pdbx_description
1 polymer 'Phosphoglycerate kinase, testis specific'
2 non-polymer '3-PHOSPHOGLYCERIC ACID'
3 water water
#
_entity_poly.entity_id   1
_entity_poly.type   'polypeptide(L)'
_entity_poly.pdbx_seq_one_letter_code
;ALSAKLTLDKVDLKGKRVIMRVDFNVPMKNNQITNNQRIKAAIPSIKHCLDNGAKSVVLMSHLGRPDGIPMPDKYSLEPV
ADELKSLLNKDVIFLKDCVGPEVEQACANPDNGSIILLENLRFHVEEEGKGKDSSGKKISADPAKVEAFRASLSKLGDVY
VNDAFGTAHRAHSSMVGVNLPQKASGFLMKKELDYFSKALEKPERPFLAILGGAKVKDKIQLIKNMLDKVNFMIIGGGMA
YTFLKELKNMQIGASLFDEEGATIVKEIMEKAEKNGVKIVFPVDFVTGDKFDENAKVGQATIESGIPSGWMGLDCGPESI
KINAQIVAQAKLIVWNGPIGVFEWDAFAKGTKALMDEVVKATSNGCVTIIGGGDTATCCAKWGTEDKVSHVSTGGGASLE
LLEGKILPGVEALSNM
;
_entity_poly.pdbx_strand_id   A
#
# COMPACT_ATOMS: atom_id res chain seq x y z
N ALA A 4 1.68 -4.13 -20.57
CA ALA A 4 1.82 -3.63 -21.97
C ALA A 4 2.52 -2.28 -21.98
N LYS A 5 3.31 -2.02 -20.95
CA LYS A 5 4.03 -0.75 -20.85
C LYS A 5 5.53 -0.93 -20.97
N LEU A 6 6.19 0.08 -21.53
CA LEU A 6 7.64 0.09 -21.71
C LEU A 6 8.29 -0.16 -20.35
N THR A 7 9.24 -1.09 -20.30
CA THR A 7 9.94 -1.45 -19.06
C THR A 7 11.33 -0.83 -19.01
N LEU A 8 11.82 -0.52 -17.81
CA LEU A 8 13.14 0.11 -17.63
C LEU A 8 14.26 -0.62 -18.36
N ASP A 9 14.32 -1.93 -18.18
CA ASP A 9 15.36 -2.76 -18.79
C ASP A 9 15.34 -2.80 -20.33
N LYS A 10 14.34 -2.16 -20.94
CA LYS A 10 14.22 -2.13 -22.40
C LYS A 10 14.54 -0.75 -22.97
N VAL A 11 15.03 0.14 -22.11
CA VAL A 11 15.37 1.49 -22.54
C VAL A 11 16.87 1.64 -22.63
N ASP A 12 17.32 2.37 -23.65
CA ASP A 12 18.74 2.64 -23.83
C ASP A 12 19.05 3.93 -23.06
N LEU A 13 19.49 3.76 -21.81
CA LEU A 13 19.82 4.88 -20.91
C LEU A 13 21.21 5.47 -21.11
N LYS A 14 21.96 4.94 -22.07
CA LYS A 14 23.31 5.42 -22.31
C LYS A 14 23.40 6.94 -22.36
N GLY A 15 24.06 7.52 -21.36
CA GLY A 15 24.22 8.96 -21.31
C GLY A 15 22.94 9.77 -21.33
N LYS A 16 21.91 9.26 -20.67
CA LYS A 16 20.62 9.95 -20.62
C LYS A 16 20.27 10.31 -19.17
N ARG A 17 19.76 11.52 -18.96
CA ARG A 17 19.34 11.96 -17.62
C ARG A 17 18.03 11.26 -17.35
N VAL A 18 17.90 10.67 -16.16
CA VAL A 18 16.70 9.95 -15.79
C VAL A 18 15.91 10.66 -14.68
N ILE A 19 14.67 11.03 -14.98
CA ILE A 19 13.80 11.68 -14.00
C ILE A 19 12.88 10.55 -13.54
N MET A 20 13.02 10.16 -12.27
CA MET A 20 12.26 9.05 -11.72
C MET A 20 11.33 9.38 -10.55
N ARG A 21 10.08 8.97 -10.67
CA ARG A 21 9.10 9.18 -9.61
C ARG A 21 9.13 7.93 -8.75
N VAL A 22 9.30 8.09 -7.44
CA VAL A 22 9.31 6.93 -6.56
C VAL A 22 8.42 7.25 -5.36
N ASP A 23 8.12 6.25 -4.54
CA ASP A 23 7.29 6.50 -3.37
C ASP A 23 8.20 6.37 -2.17
N PHE A 24 8.64 7.52 -1.66
CA PHE A 24 9.52 7.60 -0.50
C PHE A 24 8.73 8.11 0.72
N ASN A 25 7.41 8.06 0.61
CA ASN A 25 6.53 8.48 1.68
C ASN A 25 6.61 7.38 2.74
N VAL A 26 7.68 7.41 3.54
CA VAL A 26 7.89 6.40 4.59
C VAL A 26 7.43 6.90 5.96
N PRO A 27 6.99 5.99 6.85
CA PRO A 27 6.53 6.42 8.18
C PRO A 27 7.67 7.10 8.94
N MET A 28 7.37 8.27 9.48
CA MET A 28 8.35 9.06 10.22
C MET A 28 8.02 9.17 11.70
N LYS A 29 8.98 9.69 12.45
CA LYS A 29 8.83 9.88 13.88
C LYS A 29 9.97 10.77 14.35
N ASN A 30 9.66 12.03 14.61
CA ASN A 30 10.66 12.99 15.07
C ASN A 30 11.72 13.14 13.98
N ASN A 31 11.27 13.30 12.73
CA ASN A 31 12.17 13.44 11.60
C ASN A 31 13.04 12.20 11.39
N GLN A 32 12.60 11.09 11.97
CA GLN A 32 13.34 9.82 11.84
C GLN A 32 12.49 8.79 11.14
N ILE A 33 13.13 8.01 10.26
CA ILE A 33 12.43 6.98 9.51
C ILE A 33 12.28 5.71 10.34
N THR A 34 11.06 5.21 10.47
CA THR A 34 10.81 3.99 11.24
C THR A 34 10.65 2.77 10.34
N ASN A 35 10.71 2.97 9.02
CA ASN A 35 10.59 1.88 8.07
C ASN A 35 11.08 2.36 6.69
N ASN A 36 12.24 1.87 6.28
CA ASN A 36 12.83 2.26 5.01
C ASN A 36 12.54 1.33 3.85
N GLN A 37 11.57 0.45 4.05
CA GLN A 37 11.16 -0.53 3.04
C GLN A 37 10.96 0.11 1.67
N ARG A 38 10.13 1.14 1.61
CA ARG A 38 9.86 1.80 0.33
C ARG A 38 11.10 2.42 -0.27
N ILE A 39 12.08 2.73 0.58
CA ILE A 39 13.32 3.30 0.07
C ILE A 39 14.19 2.24 -0.59
N LYS A 40 14.39 1.12 0.11
CA LYS A 40 15.21 0.04 -0.44
C LYS A 40 14.56 -0.59 -1.67
N ALA A 41 13.23 -0.57 -1.67
CA ALA A 41 12.47 -1.14 -2.77
C ALA A 41 12.77 -0.50 -4.12
N ALA A 42 13.20 0.76 -4.11
CA ALA A 42 13.51 1.51 -5.33
C ALA A 42 14.97 1.36 -5.78
N ILE A 43 15.83 0.90 -4.88
CA ILE A 43 17.25 0.73 -5.17
C ILE A 43 17.54 0.01 -6.50
N PRO A 44 16.91 -1.16 -6.74
CA PRO A 44 17.13 -1.91 -7.98
C PRO A 44 17.06 -1.03 -9.24
N SER A 45 15.98 -0.28 -9.40
CA SER A 45 15.83 0.61 -10.56
C SER A 45 16.93 1.65 -10.62
N ILE A 46 17.26 2.24 -9.48
CA ILE A 46 18.28 3.27 -9.41
C ILE A 46 19.65 2.73 -9.82
N LYS A 47 20.00 1.56 -9.28
CA LYS A 47 21.28 0.91 -9.58
C LYS A 47 21.37 0.53 -11.05
N HIS A 48 20.28 -0.03 -11.57
CA HIS A 48 20.22 -0.40 -12.97
C HIS A 48 20.54 0.84 -13.82
N CYS A 49 19.89 1.97 -13.52
CA CYS A 49 20.13 3.18 -14.29
C CYS A 49 21.60 3.57 -14.32
N LEU A 50 22.21 3.62 -13.15
CA LEU A 50 23.61 4.01 -13.04
C LEU A 50 24.56 3.01 -13.68
N ASP A 51 24.21 1.74 -13.60
CA ASP A 51 25.05 0.68 -14.15
C ASP A 51 24.92 0.58 -15.66
N ASN A 52 23.86 1.16 -16.20
CA ASN A 52 23.64 1.11 -17.64
C ASN A 52 23.95 2.42 -18.37
N GLY A 53 24.89 3.18 -17.84
CA GLY A 53 25.31 4.42 -18.48
C GLY A 53 24.50 5.68 -18.28
N ALA A 54 23.52 5.66 -17.38
CA ALA A 54 22.72 6.87 -17.16
C ALA A 54 23.60 8.01 -16.67
N LYS A 55 23.45 9.19 -17.27
CA LYS A 55 24.23 10.34 -16.87
C LYS A 55 23.88 10.76 -15.45
N SER A 56 22.62 10.62 -15.08
CA SER A 56 22.16 11.01 -13.76
C SER A 56 20.79 10.40 -13.47
N VAL A 57 20.36 10.48 -12.21
CA VAL A 57 19.08 9.94 -11.80
C VAL A 57 18.46 10.91 -10.79
N VAL A 58 17.47 11.68 -11.25
CA VAL A 58 16.79 12.64 -10.39
C VAL A 58 15.59 11.95 -9.79
N LEU A 59 15.49 11.96 -8.46
CA LEU A 59 14.41 11.31 -7.75
C LEU A 59 13.40 12.31 -7.18
N MET A 60 12.11 11.99 -7.28
CA MET A 60 11.06 12.86 -6.77
C MET A 60 9.92 12.08 -6.14
N SER A 61 9.47 12.56 -5.00
CA SER A 61 8.42 11.89 -4.27
C SER A 61 7.73 12.90 -3.36
N HIS A 62 6.66 12.46 -2.72
CA HIS A 62 5.95 13.30 -1.75
C HIS A 62 6.19 12.66 -0.38
N LEU A 63 5.84 13.37 0.69
CA LEU A 63 6.00 12.85 2.04
C LEU A 63 4.86 13.41 2.88
N GLY A 64 4.02 12.53 3.43
CA GLY A 64 2.91 12.99 4.23
C GLY A 64 1.94 13.77 3.38
N ARG A 65 1.14 14.62 4.03
CA ARG A 65 0.16 15.40 3.30
C ARG A 65 0.25 16.89 3.64
N PRO A 66 1.23 17.59 3.06
CA PRO A 66 1.46 19.03 3.29
C PRO A 66 0.35 19.90 2.70
N ASP A 67 -0.54 19.28 1.93
CA ASP A 67 -1.63 20.00 1.30
C ASP A 67 -1.22 21.22 0.50
N GLY A 68 -0.10 21.12 -0.21
CA GLY A 68 0.33 22.24 -1.04
C GLY A 68 0.97 23.41 -0.31
N ILE A 69 1.52 23.16 0.86
CA ILE A 69 2.19 24.19 1.64
C ILE A 69 3.58 23.75 2.07
N PRO A 70 4.60 24.54 1.73
CA PRO A 70 5.99 24.21 2.10
C PRO A 70 6.14 24.06 3.62
N MET A 71 6.37 22.82 4.08
CA MET A 71 6.54 22.53 5.49
C MET A 71 7.82 21.74 5.72
N PRO A 72 8.96 22.31 5.31
CA PRO A 72 10.26 21.64 5.47
C PRO A 72 10.61 21.27 6.90
N ASP A 73 10.05 21.98 7.88
CA ASP A 73 10.33 21.69 9.28
C ASP A 73 9.77 20.35 9.75
N LYS A 74 8.80 19.81 9.04
CA LYS A 74 8.23 18.54 9.47
C LYS A 74 7.86 17.59 8.36
N TYR A 75 8.07 18.00 7.11
CA TYR A 75 7.74 17.16 5.97
C TYR A 75 8.82 17.17 4.89
N SER A 76 10.05 17.50 5.26
CA SER A 76 11.12 17.52 4.27
C SER A 76 11.57 16.10 3.96
N LEU A 77 12.10 15.90 2.75
CA LEU A 77 12.58 14.59 2.35
C LEU A 77 14.08 14.47 2.65
N GLU A 78 14.65 15.49 3.30
CA GLU A 78 16.08 15.47 3.61
C GLU A 78 16.49 14.21 4.39
N PRO A 79 15.67 13.77 5.35
CA PRO A 79 16.00 12.56 6.14
C PRO A 79 16.05 11.33 5.22
N VAL A 80 15.29 11.37 4.15
CA VAL A 80 15.24 10.28 3.18
C VAL A 80 16.51 10.29 2.35
N ALA A 81 16.99 11.48 2.02
CA ALA A 81 18.20 11.63 1.25
C ALA A 81 19.38 11.01 2.04
N ASP A 82 19.41 11.23 3.35
CA ASP A 82 20.48 10.69 4.19
C ASP A 82 20.38 9.17 4.28
N GLU A 83 19.16 8.66 4.45
CA GLU A 83 18.95 7.22 4.52
C GLU A 83 19.33 6.54 3.21
N LEU A 84 18.92 7.13 2.09
CA LEU A 84 19.22 6.58 0.79
C LEU A 84 20.73 6.58 0.55
N LYS A 85 21.39 7.63 1.04
CA LYS A 85 22.83 7.75 0.90
C LYS A 85 23.57 6.62 1.62
N SER A 86 23.12 6.28 2.84
CA SER A 86 23.75 5.20 3.60
C SER A 86 23.45 3.84 2.98
N LEU A 87 22.23 3.67 2.46
CA LEU A 87 21.88 2.38 1.86
C LEU A 87 22.65 2.11 0.58
N LEU A 88 22.99 3.16 -0.16
CA LEU A 88 23.73 3.04 -1.41
C LEU A 88 25.22 3.33 -1.28
N ASN A 89 25.63 3.86 -0.14
CA ASN A 89 27.03 4.20 0.08
C ASN A 89 27.50 5.08 -1.08
N LYS A 90 26.62 6.00 -1.49
CA LYS A 90 26.89 6.90 -2.60
C LYS A 90 26.23 8.24 -2.29
N ASP A 91 26.95 9.33 -2.49
CA ASP A 91 26.41 10.65 -2.20
C ASP A 91 25.10 10.94 -2.95
N VAL A 92 24.20 11.64 -2.28
CA VAL A 92 22.90 12.01 -2.84
C VAL A 92 22.72 13.52 -2.67
N ILE A 93 22.55 14.21 -3.79
CA ILE A 93 22.37 15.66 -3.79
C ILE A 93 20.91 15.97 -3.47
N PHE A 94 20.66 16.53 -2.29
CA PHE A 94 19.28 16.87 -1.92
C PHE A 94 19.00 18.33 -2.26
N LEU A 95 17.99 18.56 -3.11
CA LEU A 95 17.64 19.92 -3.49
C LEU A 95 16.52 20.41 -2.59
N LYS A 96 16.64 21.64 -2.12
CA LYS A 96 15.65 22.23 -1.23
C LYS A 96 14.29 22.46 -1.89
N ASP A 97 14.18 22.18 -3.19
CA ASP A 97 12.88 22.34 -3.86
C ASP A 97 12.79 21.35 -5.00
N CYS A 98 11.69 21.39 -5.74
CA CYS A 98 11.50 20.48 -6.86
C CYS A 98 11.28 21.25 -8.17
N VAL A 99 11.25 22.56 -8.08
CA VAL A 99 11.07 23.43 -9.23
C VAL A 99 11.89 24.70 -9.03
N GLY A 100 12.01 25.50 -10.09
CA GLY A 100 12.77 26.74 -9.99
C GLY A 100 14.10 26.72 -10.73
N PRO A 101 14.68 27.89 -11.02
CA PRO A 101 15.96 28.00 -11.72
C PRO A 101 17.08 27.20 -11.07
N GLU A 102 17.11 27.17 -9.75
CA GLU A 102 18.15 26.43 -9.03
C GLU A 102 18.07 24.94 -9.32
N VAL A 103 16.86 24.38 -9.28
CA VAL A 103 16.63 22.97 -9.53
C VAL A 103 16.96 22.64 -10.98
N GLU A 104 16.44 23.45 -11.90
CA GLU A 104 16.67 23.26 -13.32
C GLU A 104 18.16 23.20 -13.63
N GLN A 105 18.92 24.14 -13.06
CA GLN A 105 20.36 24.18 -13.29
C GLN A 105 21.06 22.96 -12.70
N ALA A 106 20.67 22.57 -11.51
CA ALA A 106 21.28 21.42 -10.86
C ALA A 106 21.06 20.11 -11.62
N CYS A 107 19.94 20.01 -12.33
CA CYS A 107 19.63 18.78 -13.07
C CYS A 107 19.93 18.91 -14.57
N ALA A 108 20.16 20.14 -15.04
CA ALA A 108 20.42 20.41 -16.46
C ALA A 108 21.43 19.46 -17.10
N ASN A 109 22.60 19.35 -16.48
CA ASN A 109 23.63 18.47 -17.00
C ASN A 109 24.57 18.08 -15.86
N PRO A 110 24.07 17.28 -14.90
CA PRO A 110 24.86 16.82 -13.75
C PRO A 110 26.03 15.95 -14.18
N ASP A 111 26.99 15.76 -13.28
CA ASP A 111 28.15 14.92 -13.55
C ASP A 111 27.68 13.47 -13.64
N ASN A 112 28.33 12.70 -14.50
CA ASN A 112 27.97 11.30 -14.69
C ASN A 112 27.86 10.54 -13.37
N GLY A 113 26.75 9.83 -13.18
CA GLY A 113 26.56 9.07 -11.96
C GLY A 113 25.89 9.84 -10.84
N SER A 114 25.46 11.05 -11.14
CA SER A 114 24.81 11.89 -10.14
C SER A 114 23.43 11.40 -9.72
N ILE A 115 23.24 11.33 -8.41
CA ILE A 115 21.96 10.93 -7.84
C ILE A 115 21.43 12.17 -7.13
N ILE A 116 20.30 12.68 -7.61
CA ILE A 116 19.69 13.89 -7.04
C ILE A 116 18.30 13.60 -6.48
N LEU A 117 18.02 14.10 -5.29
CA LEU A 117 16.71 13.92 -4.67
C LEU A 117 16.04 15.28 -4.46
N LEU A 118 14.89 15.47 -5.10
CA LEU A 118 14.14 16.72 -5.00
C LEU A 118 13.38 16.79 -3.69
N GLU A 119 12.90 17.97 -3.33
CA GLU A 119 12.15 18.13 -2.09
C GLU A 119 10.70 17.71 -2.30
N ASN A 120 10.01 17.47 -1.18
CA ASN A 120 8.61 17.06 -1.16
C ASN A 120 7.79 17.72 -2.30
N LEU A 121 7.27 16.93 -3.22
CA LEU A 121 6.47 17.47 -4.34
C LEU A 121 5.17 18.12 -3.88
N ARG A 122 4.64 17.69 -2.73
CA ARG A 122 3.40 18.27 -2.26
C ARG A 122 3.51 19.61 -1.54
N PHE A 123 4.71 20.21 -1.60
CA PHE A 123 4.92 21.53 -1.02
C PHE A 123 4.32 22.50 -2.03
N HIS A 124 3.95 21.99 -3.20
CA HIS A 124 3.33 22.77 -4.27
C HIS A 124 1.95 22.20 -4.52
N VAL A 125 0.95 23.06 -4.51
CA VAL A 125 -0.42 22.61 -4.73
C VAL A 125 -0.57 21.97 -6.12
N GLU A 126 0.28 22.35 -7.06
CA GLU A 126 0.20 21.80 -8.42
C GLU A 126 0.36 20.28 -8.57
N GLU A 127 1.05 19.66 -7.61
CA GLU A 127 1.27 18.21 -7.63
C GLU A 127 -0.07 17.47 -7.55
N GLU A 128 -0.82 17.67 -6.46
CA GLU A 128 -2.11 17.00 -6.32
C GLU A 128 -3.23 17.74 -7.07
N GLY A 129 -3.01 19.00 -7.38
CA GLY A 129 -4.03 19.77 -8.09
C GLY A 129 -4.93 20.54 -7.13
N LYS A 130 -4.73 20.33 -5.84
CA LYS A 130 -5.52 21.02 -4.84
C LYS A 130 -4.89 20.90 -3.46
N GLY A 131 -5.48 21.61 -2.50
CA GLY A 131 -4.96 21.57 -1.14
C GLY A 131 -5.71 22.51 -0.22
N LYS A 132 -4.97 23.08 0.72
CA LYS A 132 -5.51 24.03 1.70
C LYS A 132 -4.51 25.16 1.95
N ASP A 133 -5.01 26.36 2.23
CA ASP A 133 -4.14 27.50 2.50
C ASP A 133 -3.74 27.52 3.98
N SER A 134 -3.21 28.66 4.43
CA SER A 134 -2.77 28.79 5.82
C SER A 134 -3.93 28.80 6.82
N SER A 135 -5.09 29.27 6.38
CA SER A 135 -6.25 29.34 7.26
C SER A 135 -7.04 28.05 7.34
N GLY A 136 -6.65 27.06 6.54
CA GLY A 136 -7.33 25.78 6.55
C GLY A 136 -8.42 25.65 5.50
N LYS A 137 -8.48 26.60 4.57
CA LYS A 137 -9.49 26.58 3.53
C LYS A 137 -9.05 25.80 2.29
N LYS A 138 -9.91 24.92 1.80
CA LYS A 138 -9.59 24.12 0.63
C LYS A 138 -9.51 24.99 -0.62
N ILE A 139 -8.43 24.82 -1.37
CA ILE A 139 -8.23 25.58 -2.59
C ILE A 139 -7.91 24.66 -3.76
N SER A 140 -8.18 25.13 -4.97
CA SER A 140 -7.92 24.36 -6.18
C SER A 140 -6.78 25.00 -6.97
N ALA A 141 -5.82 24.20 -7.41
CA ALA A 141 -4.69 24.72 -8.18
C ALA A 141 -5.14 25.32 -9.49
N ASP A 142 -4.39 26.33 -9.93
CA ASP A 142 -4.68 27.02 -11.18
C ASP A 142 -4.22 26.18 -12.36
N PRO A 143 -5.10 25.98 -13.37
CA PRO A 143 -4.82 25.19 -14.58
C PRO A 143 -3.49 25.53 -15.23
N ALA A 144 -3.23 26.82 -15.44
CA ALA A 144 -1.98 27.26 -16.05
C ALA A 144 -0.76 26.85 -15.21
N LYS A 145 -0.85 27.01 -13.89
CA LYS A 145 0.23 26.66 -12.97
C LYS A 145 0.54 25.17 -13.02
N VAL A 146 -0.52 24.37 -13.06
CA VAL A 146 -0.37 22.92 -13.12
C VAL A 146 0.45 22.56 -14.36
N GLU A 147 0.07 23.08 -15.53
CA GLU A 147 0.80 22.80 -16.76
C GLU A 147 2.27 23.21 -16.65
N ALA A 148 2.53 24.37 -16.06
CA ALA A 148 3.89 24.86 -15.90
C ALA A 148 4.68 23.97 -14.94
N PHE A 149 4.02 23.48 -13.90
CA PHE A 149 4.68 22.62 -12.93
C PHE A 149 5.11 21.34 -13.63
N ARG A 150 4.23 20.76 -14.42
CA ARG A 150 4.54 19.52 -15.13
C ARG A 150 5.62 19.73 -16.19
N ALA A 151 5.58 20.88 -16.87
CA ALA A 151 6.59 21.20 -17.88
C ALA A 151 7.96 21.35 -17.24
N SER A 152 7.99 21.87 -16.01
CA SER A 152 9.24 22.06 -15.27
C SER A 152 9.87 20.74 -14.87
N LEU A 153 9.07 19.84 -14.32
CA LEU A 153 9.60 18.55 -13.91
C LEU A 153 10.13 17.75 -15.09
N SER A 154 9.47 17.87 -16.26
CA SER A 154 9.88 17.12 -17.45
C SER A 154 11.28 17.49 -17.94
N LYS A 155 11.70 18.72 -17.71
CA LYS A 155 13.00 19.19 -18.13
C LYS A 155 14.14 18.65 -17.25
N LEU A 156 13.81 18.07 -16.10
CA LEU A 156 14.84 17.54 -15.20
C LEU A 156 15.45 16.22 -15.66
N GLY A 157 14.88 15.63 -16.71
CA GLY A 157 15.39 14.36 -17.23
C GLY A 157 15.10 14.20 -18.72
N ASP A 158 15.82 13.29 -19.39
CA ASP A 158 15.64 13.05 -20.84
C ASP A 158 14.70 11.86 -21.04
N VAL A 159 14.60 11.03 -20.01
CA VAL A 159 13.76 9.84 -19.99
C VAL A 159 13.05 9.72 -18.64
N TYR A 160 11.79 9.34 -18.69
CA TYR A 160 10.97 9.23 -17.47
C TYR A 160 10.77 7.80 -17.01
N VAL A 161 10.95 7.60 -15.71
CA VAL A 161 10.76 6.29 -15.10
C VAL A 161 9.85 6.41 -13.88
N ASN A 162 8.82 5.59 -13.82
CA ASN A 162 7.91 5.63 -12.68
C ASN A 162 8.01 4.33 -11.90
N ASP A 163 8.58 4.41 -10.70
CA ASP A 163 8.74 3.25 -9.83
C ASP A 163 7.92 3.40 -8.55
N ALA A 164 7.08 4.44 -8.53
CA ALA A 164 6.24 4.73 -7.36
C ALA A 164 4.96 3.90 -7.35
N PHE A 165 5.09 2.60 -7.13
CA PHE A 165 3.92 1.73 -7.09
C PHE A 165 2.99 2.19 -5.97
N GLY A 166 3.57 2.58 -4.84
CA GLY A 166 2.79 3.02 -3.71
C GLY A 166 1.87 4.20 -3.96
N THR A 167 2.15 4.96 -5.02
CA THR A 167 1.34 6.12 -5.34
C THR A 167 0.63 5.94 -6.69
N ALA A 168 0.89 4.82 -7.35
CA ALA A 168 0.33 4.51 -8.67
C ALA A 168 -1.16 4.78 -8.86
N HIS A 169 -1.92 4.77 -7.77
CA HIS A 169 -3.36 5.01 -7.83
C HIS A 169 -3.69 6.51 -7.88
N ARG A 170 -2.68 7.35 -7.63
CA ARG A 170 -2.86 8.82 -7.63
C ARG A 170 -2.53 9.42 -9.01
N ALA A 171 -3.49 10.08 -9.63
CA ALA A 171 -3.23 10.70 -10.93
C ALA A 171 -2.67 12.09 -10.70
N HIS A 172 -1.59 12.17 -9.94
CA HIS A 172 -0.97 13.47 -9.66
C HIS A 172 0.02 13.89 -10.74
N SER A 173 0.39 15.17 -10.72
CA SER A 173 1.28 15.72 -11.73
C SER A 173 2.55 14.91 -11.97
N SER A 174 3.25 14.57 -10.89
CA SER A 174 4.50 13.83 -11.05
C SER A 174 4.28 12.38 -11.45
N MET A 175 3.02 11.95 -11.39
CA MET A 175 2.64 10.57 -11.71
C MET A 175 2.09 10.39 -13.12
N VAL A 176 1.50 11.45 -13.67
CA VAL A 176 0.92 11.37 -15.00
C VAL A 176 1.17 12.58 -15.88
N GLY A 177 1.83 13.60 -15.36
CA GLY A 177 2.06 14.78 -16.18
C GLY A 177 3.43 14.96 -16.81
N VAL A 178 4.33 13.99 -16.62
CA VAL A 178 5.67 14.12 -17.18
C VAL A 178 5.64 13.84 -18.69
N ASN A 179 6.02 14.85 -19.45
CA ASN A 179 6.02 14.74 -20.89
C ASN A 179 7.39 14.52 -21.51
N LEU A 180 7.80 13.26 -21.59
CA LEU A 180 9.06 12.90 -22.23
C LEU A 180 8.76 11.81 -23.24
N PRO A 181 9.60 11.66 -24.28
CA PRO A 181 9.39 10.65 -25.31
C PRO A 181 9.26 9.23 -24.74
N GLN A 182 10.07 8.89 -23.73
CA GLN A 182 9.98 7.56 -23.15
C GLN A 182 9.57 7.62 -21.69
N LYS A 183 8.49 6.92 -21.38
CA LYS A 183 7.96 6.83 -20.02
C LYS A 183 7.86 5.34 -19.70
N ALA A 184 8.80 4.82 -18.92
CA ALA A 184 8.83 3.39 -18.60
C ALA A 184 8.59 3.06 -17.13
N SER A 185 8.14 1.83 -16.87
CA SER A 185 7.92 1.43 -15.49
C SER A 185 9.25 0.98 -14.91
N GLY A 186 9.42 1.22 -13.61
CA GLY A 186 10.64 0.80 -12.96
C GLY A 186 10.53 -0.66 -12.60
N PHE A 187 11.56 -1.19 -11.94
CA PHE A 187 11.59 -2.58 -11.54
C PHE A 187 10.54 -2.89 -10.46
N LEU A 188 10.42 -2.02 -9.45
CA LEU A 188 9.44 -2.23 -8.40
C LEU A 188 8.01 -2.19 -8.95
N MET A 189 7.74 -1.21 -9.80
CA MET A 189 6.42 -1.05 -10.38
C MET A 189 5.97 -2.32 -11.11
N LYS A 190 6.85 -2.90 -11.93
CA LYS A 190 6.48 -4.09 -12.68
C LYS A 190 6.41 -5.34 -11.82
N LYS A 191 7.27 -5.45 -10.80
CA LYS A 191 7.28 -6.61 -9.92
C LYS A 191 5.98 -6.66 -9.14
N GLU A 192 5.55 -5.48 -8.71
CA GLU A 192 4.32 -5.32 -7.95
C GLU A 192 3.15 -5.72 -8.83
N LEU A 193 3.08 -5.15 -10.03
CA LEU A 193 2.02 -5.46 -10.98
C LEU A 193 1.92 -6.93 -11.35
N ASP A 194 3.06 -7.54 -11.69
CA ASP A 194 3.09 -8.95 -12.07
C ASP A 194 2.54 -9.87 -10.99
N TYR A 195 2.84 -9.55 -9.73
CA TYR A 195 2.34 -10.38 -8.65
C TYR A 195 0.83 -10.41 -8.60
N PHE A 196 0.22 -9.24 -8.57
CA PHE A 196 -1.24 -9.19 -8.51
C PHE A 196 -1.89 -9.68 -9.79
N SER A 197 -1.16 -9.58 -10.90
CA SER A 197 -1.69 -10.04 -12.19
C SER A 197 -1.87 -11.56 -12.19
N LYS A 198 -0.78 -12.27 -11.94
CA LYS A 198 -0.79 -13.73 -11.90
C LYS A 198 -1.78 -14.27 -10.86
N ALA A 199 -1.89 -13.59 -9.73
CA ALA A 199 -2.80 -14.01 -8.66
C ALA A 199 -4.26 -13.83 -9.10
N LEU A 200 -4.51 -12.84 -9.93
CA LEU A 200 -5.87 -12.57 -10.39
C LEU A 200 -6.22 -13.25 -11.73
N GLU A 201 -5.22 -13.76 -12.44
CA GLU A 201 -5.49 -14.40 -13.72
C GLU A 201 -5.19 -15.89 -13.76
N LYS A 202 -4.04 -16.28 -13.22
CA LYS A 202 -3.62 -17.67 -13.18
C LYS A 202 -3.21 -18.02 -11.76
N PRO A 203 -4.17 -18.02 -10.83
CA PRO A 203 -3.91 -18.32 -9.43
C PRO A 203 -3.72 -19.80 -9.11
N GLU A 204 -2.92 -20.06 -8.08
CA GLU A 204 -2.68 -21.43 -7.63
C GLU A 204 -3.93 -21.80 -6.84
N ARG A 205 -4.21 -23.08 -6.67
CA ARG A 205 -5.39 -23.49 -5.90
C ARG A 205 -5.08 -24.64 -4.95
N PRO A 206 -5.74 -24.67 -3.79
CA PRO A 206 -6.74 -23.70 -3.32
C PRO A 206 -6.25 -22.26 -3.22
N PHE A 207 -7.15 -21.34 -3.54
CA PHE A 207 -6.85 -19.91 -3.52
C PHE A 207 -7.58 -19.24 -2.36
N LEU A 208 -6.81 -18.75 -1.39
CA LEU A 208 -7.36 -18.10 -0.20
C LEU A 208 -7.11 -16.60 -0.15
N ALA A 209 -8.17 -15.86 0.16
CA ALA A 209 -8.05 -14.41 0.28
C ALA A 209 -8.38 -14.07 1.72
N ILE A 210 -7.50 -13.33 2.38
CA ILE A 210 -7.72 -12.91 3.77
C ILE A 210 -8.00 -11.41 3.78
N LEU A 211 -9.22 -11.03 4.14
CA LEU A 211 -9.63 -9.63 4.17
C LEU A 211 -10.04 -9.14 5.57
N GLY A 212 -9.39 -8.08 6.05
CA GLY A 212 -9.70 -7.53 7.36
C GLY A 212 -9.89 -6.04 7.24
N GLY A 213 -10.82 -5.49 8.03
CA GLY A 213 -11.07 -4.07 7.98
C GLY A 213 -12.19 -3.69 8.92
N ALA A 214 -12.29 -2.41 9.23
CA ALA A 214 -13.32 -1.92 10.14
C ALA A 214 -14.72 -1.92 9.54
N LYS A 215 -14.84 -1.39 8.32
CA LYS A 215 -16.13 -1.31 7.64
C LYS A 215 -16.27 -2.26 6.46
N VAL A 216 -17.50 -2.70 6.23
CA VAL A 216 -17.76 -3.60 5.13
C VAL A 216 -18.02 -2.80 3.85
N LYS A 217 -18.60 -1.62 4.03
CA LYS A 217 -18.93 -0.75 2.91
C LYS A 217 -17.78 -0.48 1.94
N ASP A 218 -16.61 -0.12 2.48
CA ASP A 218 -15.47 0.17 1.63
C ASP A 218 -14.76 -1.04 1.01
N LYS A 219 -15.27 -2.25 1.27
CA LYS A 219 -14.63 -3.45 0.72
C LYS A 219 -15.61 -4.31 -0.08
N ILE A 220 -16.74 -3.73 -0.43
CA ILE A 220 -17.75 -4.43 -1.20
C ILE A 220 -17.27 -4.84 -2.58
N GLN A 221 -16.75 -3.88 -3.34
CA GLN A 221 -16.25 -4.15 -4.68
C GLN A 221 -15.06 -5.09 -4.58
N LEU A 222 -14.26 -4.92 -3.53
CA LEU A 222 -13.09 -5.76 -3.32
C LEU A 222 -13.52 -7.22 -3.14
N ILE A 223 -14.41 -7.45 -2.19
CA ILE A 223 -14.94 -8.77 -1.88
C ILE A 223 -15.58 -9.43 -3.10
N LYS A 224 -16.48 -8.68 -3.75
CA LYS A 224 -17.16 -9.16 -4.94
C LYS A 224 -16.21 -9.68 -6.01
N ASN A 225 -15.20 -8.88 -6.33
CA ASN A 225 -14.23 -9.26 -7.37
C ASN A 225 -13.45 -10.52 -6.97
N MET A 226 -13.08 -10.59 -5.68
CA MET A 226 -12.34 -11.72 -5.14
C MET A 226 -13.16 -13.02 -5.16
N LEU A 227 -14.46 -12.92 -4.96
CA LEU A 227 -15.32 -14.11 -4.93
C LEU A 227 -15.43 -14.79 -6.29
N ASP A 228 -14.96 -14.12 -7.33
CA ASP A 228 -15.02 -14.68 -8.67
C ASP A 228 -13.80 -15.52 -9.01
N LYS A 229 -12.81 -15.56 -8.11
CA LYS A 229 -11.60 -16.34 -8.37
C LYS A 229 -11.12 -17.23 -7.24
N VAL A 230 -11.34 -16.83 -5.99
CA VAL A 230 -10.86 -17.61 -4.85
C VAL A 230 -11.72 -18.83 -4.47
N ASN A 231 -11.15 -19.70 -3.64
CA ASN A 231 -11.85 -20.88 -3.17
C ASN A 231 -12.17 -20.70 -1.69
N PHE A 232 -11.41 -19.85 -1.03
CA PHE A 232 -11.63 -19.58 0.39
C PHE A 232 -11.42 -18.10 0.66
N MET A 233 -12.08 -17.60 1.69
CA MET A 233 -11.95 -16.20 2.08
C MET A 233 -12.23 -16.02 3.58
N ILE A 234 -11.25 -15.47 4.28
CA ILE A 234 -11.43 -15.21 5.72
C ILE A 234 -11.69 -13.73 5.88
N ILE A 235 -12.73 -13.38 6.62
CA ILE A 235 -13.10 -11.99 6.87
C ILE A 235 -12.87 -11.78 8.36
N GLY A 236 -11.96 -10.86 8.67
CA GLY A 236 -11.64 -10.58 10.06
C GLY A 236 -11.74 -9.09 10.34
N GLY A 237 -11.30 -8.66 11.52
CA GLY A 237 -11.39 -7.25 11.83
C GLY A 237 -12.81 -6.87 12.21
N GLY A 238 -13.10 -5.58 12.14
CA GLY A 238 -14.43 -5.09 12.49
C GLY A 238 -15.56 -5.54 11.57
N MET A 239 -15.25 -5.78 10.30
CA MET A 239 -16.27 -6.21 9.35
C MET A 239 -17.06 -7.41 9.83
N ALA A 240 -16.36 -8.35 10.45
CA ALA A 240 -16.95 -9.59 10.95
C ALA A 240 -18.22 -9.40 11.77
N TYR A 241 -18.21 -8.42 12.66
CA TYR A 241 -19.37 -8.18 13.51
C TYR A 241 -20.59 -7.76 12.69
N THR A 242 -20.38 -7.10 11.56
CA THR A 242 -21.50 -6.70 10.72
C THR A 242 -22.09 -7.96 10.08
N PHE A 243 -21.23 -8.87 9.62
CA PHE A 243 -21.71 -10.10 9.00
C PHE A 243 -22.40 -11.03 10.00
N LEU A 244 -21.78 -11.24 11.14
CA LEU A 244 -22.32 -12.14 12.16
C LEU A 244 -23.65 -11.67 12.71
N LYS A 245 -23.78 -10.35 12.84
CA LYS A 245 -25.01 -9.78 13.34
C LYS A 245 -26.12 -10.02 12.31
N GLU A 246 -25.87 -9.70 11.05
CA GLU A 246 -26.89 -9.88 10.00
C GLU A 246 -27.19 -11.35 9.68
N LEU A 247 -26.14 -12.19 9.69
CA LEU A 247 -26.27 -13.61 9.37
C LEU A 247 -26.62 -14.56 10.52
N LYS A 248 -25.97 -14.37 11.67
CA LYS A 248 -26.18 -15.22 12.85
C LYS A 248 -27.03 -14.53 13.92
N ASN A 249 -27.36 -13.26 13.68
CA ASN A 249 -28.13 -12.49 14.63
C ASN A 249 -27.39 -12.50 15.96
N MET A 250 -26.07 -12.33 15.89
CA MET A 250 -25.23 -12.31 17.08
C MET A 250 -25.36 -10.97 17.80
N GLN A 251 -25.25 -11.00 19.12
CA GLN A 251 -25.30 -9.79 19.95
C GLN A 251 -23.86 -9.31 20.02
N ILE A 252 -23.57 -8.27 19.25
CA ILE A 252 -22.22 -7.71 19.20
C ILE A 252 -21.94 -6.62 20.23
N GLY A 253 -22.92 -6.33 21.08
CA GLY A 253 -22.76 -5.33 22.11
C GLY A 253 -22.42 -3.96 21.55
N ALA A 254 -21.34 -3.37 22.05
CA ALA A 254 -20.94 -2.05 21.58
C ALA A 254 -19.97 -2.13 20.39
N SER A 255 -19.88 -3.30 19.77
CA SER A 255 -18.98 -3.46 18.61
C SER A 255 -19.49 -2.58 17.48
N LEU A 256 -18.58 -1.84 16.84
CA LEU A 256 -18.98 -0.97 15.74
C LEU A 256 -19.77 -1.78 14.72
N PHE A 257 -20.86 -1.20 14.21
CA PHE A 257 -21.70 -1.87 13.22
C PHE A 257 -21.76 -1.04 11.96
N ASP A 258 -21.69 -1.70 10.80
CA ASP A 258 -21.73 -1.00 9.51
C ASP A 258 -23.14 -1.15 8.93
N GLU A 259 -24.03 -0.25 9.32
CA GLU A 259 -25.42 -0.30 8.87
C GLU A 259 -25.58 -0.36 7.35
N GLU A 260 -24.81 0.42 6.61
CA GLU A 260 -24.91 0.43 5.15
C GLU A 260 -24.27 -0.82 4.54
N GLY A 261 -23.18 -1.28 5.13
CA GLY A 261 -22.52 -2.47 4.62
C GLY A 261 -23.35 -3.72 4.84
N ALA A 262 -24.10 -3.76 5.94
CA ALA A 262 -24.93 -4.91 6.28
C ALA A 262 -26.01 -5.15 5.24
N THR A 263 -26.40 -4.10 4.54
CA THR A 263 -27.44 -4.21 3.52
C THR A 263 -26.96 -5.03 2.35
N ILE A 264 -25.65 -5.05 2.13
CA ILE A 264 -25.08 -5.80 1.02
C ILE A 264 -24.54 -7.17 1.41
N VAL A 265 -24.63 -7.49 2.70
CA VAL A 265 -24.16 -8.78 3.20
C VAL A 265 -24.89 -9.94 2.51
N LYS A 266 -26.18 -9.76 2.29
CA LYS A 266 -26.98 -10.81 1.65
C LYS A 266 -26.42 -11.24 0.30
N GLU A 267 -26.33 -10.30 -0.63
CA GLU A 267 -25.84 -10.60 -1.97
C GLU A 267 -24.38 -11.08 -1.97
N ILE A 268 -23.62 -10.67 -0.96
CA ILE A 268 -22.24 -11.10 -0.84
C ILE A 268 -22.23 -12.62 -0.60
N MET A 269 -23.03 -13.06 0.38
CA MET A 269 -23.14 -14.49 0.72
C MET A 269 -23.73 -15.30 -0.44
N GLU A 270 -24.57 -14.67 -1.25
CA GLU A 270 -25.15 -15.38 -2.39
C GLU A 270 -24.08 -15.65 -3.45
N LYS A 271 -23.28 -14.63 -3.77
CA LYS A 271 -22.22 -14.81 -4.77
C LYS A 271 -21.19 -15.85 -4.31
N ALA A 272 -20.87 -15.85 -3.02
CA ALA A 272 -19.91 -16.81 -2.47
C ALA A 272 -20.44 -18.22 -2.68
N GLU A 273 -21.73 -18.41 -2.40
CA GLU A 273 -22.36 -19.71 -2.56
C GLU A 273 -22.38 -20.16 -4.01
N LYS A 274 -22.76 -19.25 -4.91
CA LYS A 274 -22.81 -19.54 -6.34
C LYS A 274 -21.43 -19.87 -6.90
N ASN A 275 -20.38 -19.30 -6.31
CA ASN A 275 -19.01 -19.57 -6.79
C ASN A 275 -18.31 -20.65 -5.99
N GLY A 276 -19.04 -21.26 -5.06
CA GLY A 276 -18.48 -22.32 -4.25
C GLY A 276 -17.36 -21.81 -3.34
N VAL A 277 -17.47 -20.57 -2.90
CA VAL A 277 -16.46 -20.01 -2.02
C VAL A 277 -16.87 -20.11 -0.56
N LYS A 278 -16.05 -20.81 0.23
CA LYS A 278 -16.34 -20.96 1.64
C LYS A 278 -15.79 -19.77 2.40
N ILE A 279 -16.69 -18.99 3.01
CA ILE A 279 -16.28 -17.83 3.77
C ILE A 279 -16.15 -18.23 5.24
N VAL A 280 -15.04 -17.83 5.85
CA VAL A 280 -14.76 -18.15 7.24
C VAL A 280 -14.75 -16.91 8.13
N PHE A 281 -15.67 -16.88 9.10
CA PHE A 281 -15.77 -15.77 10.06
C PHE A 281 -15.29 -16.32 11.40
N PRO A 282 -14.94 -15.43 12.35
CA PRO A 282 -14.48 -15.92 13.64
C PRO A 282 -15.65 -16.56 14.39
N VAL A 283 -15.34 -17.48 15.29
CA VAL A 283 -16.36 -18.16 16.06
C VAL A 283 -16.36 -17.69 17.50
N ASP A 284 -15.26 -17.07 17.90
CA ASP A 284 -15.09 -16.52 19.25
C ASP A 284 -14.24 -15.25 19.16
N PHE A 285 -14.16 -14.50 20.25
CA PHE A 285 -13.38 -13.27 20.21
C PHE A 285 -12.88 -12.78 21.57
N VAL A 286 -11.96 -11.83 21.51
CA VAL A 286 -11.37 -11.20 22.68
C VAL A 286 -12.05 -9.84 22.70
N THR A 287 -12.64 -9.50 23.84
CA THR A 287 -13.36 -8.26 24.01
C THR A 287 -12.64 -7.26 24.90
N GLY A 288 -13.05 -6.00 24.78
CA GLY A 288 -12.53 -4.91 25.59
C GLY A 288 -13.78 -4.20 26.10
N ASP A 289 -13.72 -3.61 27.29
CA ASP A 289 -14.89 -2.91 27.86
C ASP A 289 -14.95 -1.47 27.37
N LYS A 290 -14.05 -1.18 26.44
CA LYS A 290 -13.97 0.13 25.83
C LYS A 290 -12.96 0.08 24.68
N PHE A 291 -13.01 1.06 23.81
CA PHE A 291 -12.10 1.10 22.68
C PHE A 291 -10.79 1.74 23.12
N ASP A 292 -9.98 0.95 23.82
CA ASP A 292 -8.71 1.45 24.31
C ASP A 292 -7.67 0.34 24.52
N GLU A 293 -6.40 0.69 24.34
CA GLU A 293 -5.33 -0.26 24.50
C GLU A 293 -5.33 -0.88 25.90
N ASN A 294 -5.67 -0.10 26.92
CA ASN A 294 -5.70 -0.62 28.30
C ASN A 294 -7.09 -0.95 28.82
N ALA A 295 -7.99 -1.32 27.89
CA ALA A 295 -9.34 -1.66 28.26
C ALA A 295 -9.41 -2.98 29.02
N LYS A 296 -10.48 -3.18 29.77
CA LYS A 296 -10.66 -4.43 30.50
C LYS A 296 -10.80 -5.50 29.43
N VAL A 297 -10.12 -6.62 29.60
CA VAL A 297 -10.16 -7.69 28.63
C VAL A 297 -11.16 -8.79 29.03
N GLY A 298 -11.95 -9.22 28.05
CA GLY A 298 -12.92 -10.26 28.30
C GLY A 298 -12.96 -11.25 27.15
N GLN A 299 -13.98 -12.10 27.13
CA GLN A 299 -14.12 -13.09 26.08
C GLN A 299 -15.57 -13.31 25.71
N ALA A 300 -15.80 -13.94 24.56
CA ALA A 300 -17.15 -14.18 24.10
C ALA A 300 -17.18 -15.10 22.90
N THR A 301 -18.33 -15.75 22.69
CA THR A 301 -18.51 -16.63 21.56
C THR A 301 -19.75 -16.13 20.82
N ILE A 302 -20.00 -16.67 19.63
CA ILE A 302 -21.17 -16.26 18.88
C ILE A 302 -22.44 -16.51 19.69
N GLU A 303 -22.52 -17.69 20.31
CA GLU A 303 -23.68 -18.05 21.12
C GLU A 303 -23.86 -17.13 22.34
N SER A 304 -22.78 -16.90 23.08
CA SER A 304 -22.87 -16.05 24.27
C SER A 304 -23.10 -14.58 23.93
N GLY A 305 -22.62 -14.16 22.76
CA GLY A 305 -22.77 -12.76 22.37
C GLY A 305 -21.78 -11.93 23.17
N ILE A 306 -21.77 -10.62 22.92
CA ILE A 306 -20.87 -9.71 23.63
C ILE A 306 -21.66 -8.79 24.57
N PRO A 307 -21.31 -8.77 25.87
CA PRO A 307 -22.01 -7.92 26.84
C PRO A 307 -22.16 -6.45 26.43
N SER A 308 -23.21 -5.79 26.91
CA SER A 308 -23.44 -4.39 26.58
C SER A 308 -22.29 -3.51 27.10
N GLY A 309 -21.85 -2.59 26.25
CA GLY A 309 -20.75 -1.72 26.64
C GLY A 309 -19.40 -2.29 26.26
N TRP A 310 -19.37 -3.56 25.85
CA TRP A 310 -18.15 -4.25 25.43
C TRP A 310 -18.10 -4.42 23.90
N MET A 311 -16.90 -4.60 23.35
CA MET A 311 -16.76 -4.75 21.90
C MET A 311 -15.68 -5.77 21.55
N GLY A 312 -15.88 -6.48 20.46
CA GLY A 312 -14.91 -7.46 20.02
C GLY A 312 -13.81 -6.70 19.31
N LEU A 313 -12.56 -6.97 19.69
CA LEU A 313 -11.41 -6.31 19.09
C LEU A 313 -10.42 -7.29 18.44
N ASP A 314 -10.68 -8.59 18.61
CA ASP A 314 -9.84 -9.64 18.02
C ASP A 314 -10.59 -10.97 18.06
N CYS A 315 -10.18 -11.94 17.25
CA CYS A 315 -10.85 -13.24 17.29
C CYS A 315 -10.24 -14.00 18.47
N GLY A 316 -10.93 -15.06 18.90
CA GLY A 316 -10.48 -15.87 20.02
C GLY A 316 -9.63 -17.08 19.68
N PRO A 317 -9.39 -17.99 20.64
CA PRO A 317 -8.57 -19.19 20.41
C PRO A 317 -9.12 -20.19 19.40
N GLU A 318 -10.44 -20.42 19.43
CA GLU A 318 -11.04 -21.37 18.50
C GLU A 318 -10.99 -20.84 17.07
N SER A 319 -11.11 -19.52 16.91
CA SER A 319 -11.06 -18.88 15.60
C SER A 319 -9.67 -19.05 15.00
N ILE A 320 -8.66 -18.88 15.86
CA ILE A 320 -7.27 -19.00 15.46
C ILE A 320 -7.02 -20.42 14.93
N LYS A 321 -7.52 -21.41 15.65
CA LYS A 321 -7.34 -22.79 15.25
C LYS A 321 -7.95 -23.03 13.87
N ILE A 322 -9.14 -22.49 13.65
CA ILE A 322 -9.83 -22.65 12.38
C ILE A 322 -9.07 -21.99 11.22
N ASN A 323 -8.51 -20.81 11.47
CA ASN A 323 -7.77 -20.10 10.43
C ASN A 323 -6.52 -20.87 10.04
N ALA A 324 -5.91 -21.53 11.01
CA ALA A 324 -4.71 -22.30 10.75
C ALA A 324 -5.04 -23.46 9.81
N GLN A 325 -6.24 -24.01 9.98
CA GLN A 325 -6.72 -25.12 9.16
C GLN A 325 -6.93 -24.70 7.70
N ILE A 326 -7.56 -23.55 7.50
CA ILE A 326 -7.81 -23.06 6.15
C ILE A 326 -6.55 -22.55 5.46
N VAL A 327 -5.69 -21.88 6.21
CA VAL A 327 -4.44 -21.35 5.66
C VAL A 327 -3.53 -22.48 5.18
N ALA A 328 -3.48 -23.56 5.95
CA ALA A 328 -2.65 -24.71 5.62
C ALA A 328 -3.04 -25.43 4.32
N GLN A 329 -4.32 -25.38 3.95
CA GLN A 329 -4.76 -26.06 2.73
C GLN A 329 -4.77 -25.17 1.49
N ALA A 330 -3.99 -24.09 1.51
CA ALA A 330 -3.94 -23.18 0.38
C ALA A 330 -2.60 -23.21 -0.33
N LYS A 331 -2.60 -22.86 -1.61
CA LYS A 331 -1.38 -22.81 -2.42
C LYS A 331 -1.12 -21.37 -2.84
N LEU A 332 -2.12 -20.53 -2.67
CA LEU A 332 -2.01 -19.12 -3.00
C LEU A 332 -2.79 -18.36 -1.95
N ILE A 333 -2.17 -17.32 -1.41
CA ILE A 333 -2.84 -16.52 -0.39
C ILE A 333 -2.63 -15.05 -0.68
N VAL A 334 -3.72 -14.29 -0.63
CA VAL A 334 -3.68 -12.84 -0.81
C VAL A 334 -4.23 -12.31 0.51
N TRP A 335 -3.36 -11.65 1.29
CA TRP A 335 -3.72 -11.11 2.60
C TRP A 335 -3.75 -9.60 2.63
N ASN A 336 -4.93 -9.06 2.90
CA ASN A 336 -5.11 -7.62 2.94
C ASN A 336 -5.95 -7.21 4.13
N GLY A 337 -5.27 -6.77 5.21
CA GLY A 337 -5.99 -6.33 6.39
C GLY A 337 -5.87 -7.24 7.60
N PRO A 338 -5.36 -6.73 8.73
CA PRO A 338 -5.23 -7.53 9.95
C PRO A 338 -6.58 -8.07 10.43
N ILE A 339 -6.55 -9.06 11.31
CA ILE A 339 -7.76 -9.71 11.85
C ILE A 339 -8.28 -9.06 13.14
N GLY A 340 -7.43 -8.26 13.76
CA GLY A 340 -7.79 -7.60 15.01
C GLY A 340 -6.97 -6.35 15.22
N VAL A 341 -7.14 -5.70 16.36
CA VAL A 341 -6.40 -4.47 16.67
C VAL A 341 -4.98 -4.89 17.08
N PHE A 342 -4.13 -5.12 16.07
CA PHE A 342 -2.75 -5.54 16.27
C PHE A 342 -1.88 -4.55 17.01
N GLU A 343 -2.19 -3.26 16.89
CA GLU A 343 -1.40 -2.23 17.56
C GLU A 343 -1.45 -2.41 19.09
N TRP A 344 -2.51 -3.06 19.58
CA TRP A 344 -2.68 -3.31 21.01
C TRP A 344 -2.48 -4.79 21.32
N ASP A 345 -1.44 -5.07 22.10
CA ASP A 345 -1.07 -6.45 22.50
C ASP A 345 -2.20 -7.39 22.88
N ALA A 346 -3.12 -6.91 23.72
CA ALA A 346 -4.24 -7.71 24.19
C ALA A 346 -5.13 -8.17 23.03
N PHE A 347 -5.08 -7.47 21.89
CA PHE A 347 -5.92 -7.86 20.77
C PHE A 347 -5.10 -8.07 19.50
N ALA A 348 -3.87 -8.52 19.66
CA ALA A 348 -2.97 -8.78 18.53
C ALA A 348 -2.73 -10.27 18.29
N LYS A 349 -3.13 -11.11 19.24
CA LYS A 349 -2.92 -12.56 19.17
C LYS A 349 -3.48 -13.17 17.88
N GLY A 350 -4.70 -12.77 17.53
CA GLY A 350 -5.33 -13.28 16.33
C GLY A 350 -4.52 -13.02 15.08
N THR A 351 -4.05 -11.78 14.92
CA THR A 351 -3.26 -11.44 13.74
C THR A 351 -1.87 -12.07 13.78
N LYS A 352 -1.32 -12.18 14.98
CA LYS A 352 0.01 -12.78 15.15
C LYS A 352 0.00 -14.24 14.72
N ALA A 353 -1.01 -14.98 15.17
CA ALA A 353 -1.15 -16.39 14.84
C ALA A 353 -1.28 -16.56 13.32
N LEU A 354 -2.18 -15.79 12.72
CA LEU A 354 -2.40 -15.85 11.28
C LEU A 354 -1.07 -15.67 10.54
N MET A 355 -0.27 -14.73 11.03
CA MET A 355 1.03 -14.45 10.44
C MET A 355 1.93 -15.70 10.53
N ASP A 356 1.93 -16.34 11.70
CA ASP A 356 2.74 -17.55 11.91
C ASP A 356 2.33 -18.62 10.90
N GLU A 357 1.03 -18.77 10.69
CA GLU A 357 0.50 -19.75 9.76
C GLU A 357 0.84 -19.39 8.31
N VAL A 358 0.82 -18.10 7.98
CA VAL A 358 1.16 -17.68 6.62
C VAL A 358 2.63 -17.91 6.35
N VAL A 359 3.46 -17.72 7.38
CA VAL A 359 4.90 -17.92 7.24
C VAL A 359 5.19 -19.41 6.98
N LYS A 360 4.50 -20.27 7.71
CA LYS A 360 4.68 -21.71 7.55
C LYS A 360 4.13 -22.15 6.21
N ALA A 361 3.06 -21.51 5.78
CA ALA A 361 2.43 -21.82 4.50
C ALA A 361 3.47 -21.56 3.40
N THR A 362 4.24 -20.49 3.56
CA THR A 362 5.27 -20.14 2.58
C THR A 362 6.35 -21.22 2.56
N SER A 363 6.72 -21.67 3.75
CA SER A 363 7.75 -22.70 3.89
C SER A 363 7.35 -24.01 3.25
N ASN A 364 6.05 -24.25 3.12
CA ASN A 364 5.53 -25.49 2.52
C ASN A 364 5.28 -25.36 1.02
N GLY A 365 5.58 -24.18 0.45
CA GLY A 365 5.40 -24.01 -0.98
C GLY A 365 4.25 -23.11 -1.41
N CYS A 366 3.59 -22.48 -0.44
CA CYS A 366 2.46 -21.60 -0.76
C CYS A 366 2.93 -20.22 -1.20
N VAL A 367 2.22 -19.62 -2.15
CA VAL A 367 2.57 -18.28 -2.59
C VAL A 367 1.78 -17.31 -1.71
N THR A 368 2.48 -16.46 -0.98
CA THR A 368 1.85 -15.53 -0.06
C THR A 368 2.11 -14.08 -0.41
N ILE A 369 1.04 -13.37 -0.74
CA ILE A 369 1.13 -11.96 -1.13
C ILE A 369 0.44 -11.09 -0.07
N ILE A 370 1.21 -10.19 0.54
CA ILE A 370 0.69 -9.29 1.56
C ILE A 370 0.42 -7.90 1.00
N GLY A 371 -0.77 -7.37 1.28
CA GLY A 371 -1.13 -6.04 0.80
C GLY A 371 -0.35 -4.98 1.56
N GLY A 372 0.42 -4.18 0.84
CA GLY A 372 1.22 -3.16 1.49
C GLY A 372 0.44 -2.15 2.32
N GLY A 373 -0.03 -2.55 3.50
CA GLY A 373 -0.76 -1.61 4.32
C GLY A 373 -0.48 -1.99 5.75
N ASP A 374 -1.53 -2.08 6.55
CA ASP A 374 -1.39 -2.49 7.94
C ASP A 374 -0.77 -3.88 7.97
N THR A 375 -1.08 -4.70 6.97
CA THR A 375 -0.53 -6.04 6.94
C THR A 375 0.98 -5.96 6.73
N ALA A 376 1.42 -4.99 5.94
CA ALA A 376 2.85 -4.80 5.68
C ALA A 376 3.51 -4.30 6.97
N THR A 377 2.80 -3.45 7.70
CA THR A 377 3.31 -2.94 8.96
C THR A 377 3.56 -4.12 9.90
N CYS A 378 2.59 -5.05 9.97
CA CYS A 378 2.73 -6.22 10.83
C CYS A 378 3.99 -7.05 10.48
N CYS A 379 4.24 -7.24 9.19
CA CYS A 379 5.39 -8.00 8.70
C CYS A 379 6.70 -7.39 9.20
N ALA A 380 6.76 -6.07 9.17
CA ALA A 380 7.96 -5.38 9.64
C ALA A 380 8.02 -5.46 11.15
N LYS A 381 6.87 -5.33 11.79
CA LYS A 381 6.78 -5.37 13.24
C LYS A 381 7.30 -6.70 13.77
N TRP A 382 6.84 -7.80 13.18
CA TRP A 382 7.27 -9.09 13.65
C TRP A 382 8.38 -9.71 12.83
N GLY A 383 8.99 -8.91 11.97
CA GLY A 383 10.10 -9.38 11.15
C GLY A 383 9.85 -10.56 10.23
N THR A 384 8.73 -10.53 9.52
CA THR A 384 8.42 -11.63 8.62
C THR A 384 8.49 -11.21 7.16
N GLU A 385 9.05 -10.02 6.91
CA GLU A 385 9.16 -9.51 5.56
C GLU A 385 9.88 -10.44 4.60
N ASP A 386 10.85 -11.21 5.11
CA ASP A 386 11.59 -12.15 4.28
C ASP A 386 11.05 -13.56 4.43
N LYS A 387 9.92 -13.71 5.11
CA LYS A 387 9.34 -15.02 5.33
C LYS A 387 8.09 -15.27 4.49
N VAL A 388 7.69 -14.26 3.72
CA VAL A 388 6.53 -14.38 2.85
C VAL A 388 6.97 -14.11 1.41
N SER A 389 6.20 -14.58 0.45
CA SER A 389 6.55 -14.40 -0.96
C SER A 389 6.71 -12.95 -1.42
N HIS A 390 5.72 -12.12 -1.15
CA HIS A 390 5.75 -10.71 -1.58
C HIS A 390 5.04 -9.79 -0.59
N VAL A 391 5.71 -8.71 -0.22
CA VAL A 391 5.15 -7.71 0.68
C VAL A 391 5.05 -6.44 -0.13
N SER A 392 3.86 -6.11 -0.60
CA SER A 392 3.71 -4.92 -1.40
C SER A 392 4.07 -3.63 -0.67
N THR A 393 4.49 -2.63 -1.44
CA THR A 393 4.85 -1.34 -0.87
C THR A 393 3.67 -0.36 -0.93
N GLY A 394 2.57 -0.78 -1.55
CA GLY A 394 1.43 0.11 -1.64
C GLY A 394 0.08 -0.52 -1.36
N GLY A 395 -0.51 -0.18 -0.20
CA GLY A 395 -1.80 -0.74 0.16
C GLY A 395 -2.93 -0.19 -0.70
N GLY A 396 -2.95 1.12 -0.89
CA GLY A 396 -4.01 1.70 -1.70
C GLY A 396 -3.94 1.25 -3.14
N ALA A 397 -2.72 1.14 -3.67
CA ALA A 397 -2.56 0.72 -5.05
C ALA A 397 -3.03 -0.73 -5.21
N SER A 398 -2.56 -1.61 -4.35
CA SER A 398 -2.93 -3.03 -4.42
C SER A 398 -4.45 -3.18 -4.29
N LEU A 399 -5.06 -2.35 -3.45
CA LEU A 399 -6.49 -2.38 -3.24
C LEU A 399 -7.25 -2.19 -4.56
N GLU A 400 -6.80 -1.19 -5.34
CA GLU A 400 -7.41 -0.87 -6.62
C GLU A 400 -7.26 -2.04 -7.58
N LEU A 401 -6.07 -2.60 -7.66
CA LEU A 401 -5.79 -3.73 -8.52
C LEU A 401 -6.65 -4.94 -8.13
N LEU A 402 -6.72 -5.25 -6.84
CA LEU A 402 -7.52 -6.39 -6.36
C LEU A 402 -9.02 -6.14 -6.55
N GLU A 403 -9.35 -4.91 -6.94
CA GLU A 403 -10.74 -4.56 -7.15
C GLU A 403 -11.08 -4.64 -8.63
N GLY A 404 -10.04 -4.70 -9.47
CA GLY A 404 -10.22 -4.78 -10.90
C GLY A 404 -10.07 -3.44 -11.58
N LYS A 405 -9.57 -2.46 -10.83
CA LYS A 405 -9.39 -1.12 -11.36
C LYS A 405 -7.97 -0.91 -11.87
N ILE A 406 -7.82 0.05 -12.78
CA ILE A 406 -6.50 0.34 -13.33
C ILE A 406 -5.87 1.47 -12.54
N LEU A 407 -4.54 1.52 -12.59
CA LEU A 407 -3.79 2.54 -11.88
C LEU A 407 -3.36 3.66 -12.83
N PRO A 408 -3.77 4.90 -12.53
CA PRO A 408 -3.45 6.07 -13.37
C PRO A 408 -1.94 6.18 -13.64
N GLY A 409 -1.13 5.89 -12.62
CA GLY A 409 0.31 5.98 -12.76
C GLY A 409 0.87 4.99 -13.77
N VAL A 410 0.12 3.92 -14.01
CA VAL A 410 0.56 2.90 -14.96
C VAL A 410 0.12 3.26 -16.38
N GLU A 411 -1.15 3.61 -16.52
CA GLU A 411 -1.74 3.96 -17.81
C GLU A 411 -1.02 5.13 -18.50
N ALA A 412 -0.36 5.96 -17.69
CA ALA A 412 0.35 7.11 -18.21
C ALA A 412 1.67 6.76 -18.89
N LEU A 413 2.18 5.55 -18.65
CA LEU A 413 3.44 5.10 -19.23
C LEU A 413 3.35 4.78 -20.73
N SER A 414 4.52 4.73 -21.38
CA SER A 414 4.59 4.43 -22.81
C SER A 414 4.28 2.94 -23.02
N ASN A 415 3.64 2.59 -24.13
CA ASN A 415 3.33 1.19 -24.40
C ASN A 415 4.58 0.49 -24.95
N MET A 416 4.59 -0.84 -24.90
CA MET A 416 5.72 -1.62 -25.40
C MET A 416 5.94 -1.47 -26.90
#